data_9MJQ
#
_entry.id   9MJQ
#
_cell.length_a   92.821
_cell.length_b   92.821
_cell.length_c   130.152
_cell.angle_alpha   90.00
_cell.angle_beta   90.00
_cell.angle_gamma   120.00
#
_symmetry.space_group_name_H-M   'H 3 2'
#
loop_
_entity.id
_entity.type
_entity.pdbx_description
1 polymer 'Purine nucleoside phosphorylase, putative'
2 non-polymer INOSINE
3 non-polymer 'CHLORIDE ION'
4 water water
#
_entity_poly.entity_id   1
_entity_poly.type   'polypeptide(L)'
_entity_poly.pdbx_seq_one_letter_code
;MAHHHHHHMATPHNSAKVGDFAETVLMCGDPLRAKLIADNYLENAKQVNSVRGMLGFTGTYKGKPLSVMGHGMGIPSISI
YAEELYNVYKVKTIIRVGTCGTVDPNVHVRDVCIVTASGTDSNVNRMRLLGHDFPATANFEVVSALVESAKALNIPTQVG
KAYSTDIFYSKEQGLNEALAQYHFIAVEMESAGLFPIADYYGARAGCICTVSDHIITHESATPEERQTSFQNMIKIALEA
TLKL
;
_entity_poly.pdbx_strand_id   A
#
loop_
_chem_comp.id
_chem_comp.type
_chem_comp.name
_chem_comp.formula
CL non-polymer 'CHLORIDE ION' 'Cl -1'
NOS non-polymer INOSINE 'C10 H12 N4 O5'
#
# COMPACT_ATOMS: atom_id res chain seq x y z
N HIS A 4 30.51 -13.52 3.02
CA HIS A 4 31.37 -12.72 2.10
C HIS A 4 30.83 -11.29 2.01
N HIS A 5 31.73 -10.33 1.92
CA HIS A 5 31.35 -8.92 1.89
C HIS A 5 30.63 -8.49 0.60
N HIS A 6 30.16 -9.36 -0.30
CA HIS A 6 29.50 -8.88 -1.50
C HIS A 6 28.57 -9.96 -2.04
N HIS A 7 27.37 -9.54 -2.44
CA HIS A 7 26.36 -10.42 -2.98
C HIS A 7 25.85 -9.87 -4.30
N HIS A 8 25.26 -10.74 -5.10
CA HIS A 8 24.68 -10.34 -6.37
C HIS A 8 23.58 -9.32 -6.12
N MET A 9 23.51 -8.32 -7.00
CA MET A 9 22.49 -7.26 -6.93
C MET A 9 21.72 -7.24 -8.25
N ALA A 10 20.47 -7.69 -8.22
CA ALA A 10 19.65 -7.63 -9.42
C ALA A 10 19.24 -6.20 -9.75
N THR A 11 19.13 -5.36 -8.74
CA THR A 11 18.85 -3.94 -8.91
C THR A 11 19.74 -3.19 -7.92
N PRO A 12 19.83 -1.86 -8.02
CA PRO A 12 20.64 -1.12 -7.05
C PRO A 12 20.06 -1.17 -5.64
N HIS A 13 18.82 -1.61 -5.49
CA HIS A 13 18.11 -1.49 -4.24
C HIS A 13 17.61 -2.82 -3.70
N ASN A 14 17.93 -3.94 -4.36
CA ASN A 14 17.34 -5.22 -3.99
C ASN A 14 18.32 -6.33 -4.34
N SER A 15 18.68 -7.14 -3.35
CA SER A 15 19.61 -8.24 -3.59
C SER A 15 18.90 -9.54 -3.96
N ALA A 16 17.57 -9.56 -3.96
CA ALA A 16 16.85 -10.77 -4.33
C ALA A 16 17.17 -11.14 -5.78
N LYS A 17 17.26 -12.44 -6.05
CA LYS A 17 17.37 -12.90 -7.41
C LYS A 17 15.98 -12.96 -8.04
N VAL A 18 15.95 -12.81 -9.36
CA VAL A 18 14.70 -13.03 -10.08
C VAL A 18 14.18 -14.42 -9.75
N GLY A 19 12.89 -14.51 -9.45
CA GLY A 19 12.28 -15.72 -8.97
C GLY A 19 12.11 -15.78 -7.47
N ASP A 20 12.79 -14.90 -6.73
CA ASP A 20 12.71 -14.89 -5.28
C ASP A 20 11.47 -14.18 -4.77
N PHE A 21 10.79 -13.40 -5.61
CA PHE A 21 9.53 -12.75 -5.27
C PHE A 21 8.38 -13.51 -5.89
N ALA A 22 7.31 -13.68 -5.12
CA ALA A 22 6.10 -14.27 -5.66
C ALA A 22 5.41 -13.29 -6.62
N GLU A 23 4.45 -13.79 -7.38
CA GLU A 23 3.71 -12.95 -8.31
C GLU A 23 2.80 -11.96 -7.60
N THR A 24 2.49 -12.20 -6.33
CA THR A 24 1.66 -11.32 -5.53
C THR A 24 2.49 -10.81 -4.37
N VAL A 25 2.43 -9.51 -4.12
CA VAL A 25 3.26 -8.87 -3.09
C VAL A 25 2.39 -7.90 -2.30
N LEU A 26 2.50 -7.96 -0.97
CA LEU A 26 2.01 -6.91 -0.10
C LEU A 26 3.17 -5.98 0.21
N MET A 27 2.93 -4.69 0.16
CA MET A 27 3.96 -3.73 0.54
C MET A 27 3.42 -2.76 1.57
N CYS A 28 4.22 -2.49 2.60
CA CYS A 28 3.89 -1.50 3.60
C CYS A 28 5.10 -0.57 3.73
N GLY A 29 4.90 0.63 4.27
CA GLY A 29 6.01 1.58 4.34
C GLY A 29 7.12 1.13 5.25
N ASP A 30 6.77 0.58 6.41
CA ASP A 30 7.73 0.25 7.46
C ASP A 30 8.29 -1.15 7.23
N PRO A 31 9.59 -1.30 6.93
CA PRO A 31 10.14 -2.65 6.74
C PRO A 31 10.03 -3.51 7.98
N LEU A 32 10.00 -2.91 9.16
CA LEU A 32 9.84 -3.71 10.36
C LEU A 32 8.45 -4.29 10.45
N ARG A 33 7.47 -3.60 9.88
CA ARG A 33 6.13 -4.17 9.80
C ARG A 33 6.06 -5.27 8.76
N ALA A 34 6.83 -5.16 7.67
CA ALA A 34 6.92 -6.26 6.73
C ALA A 34 7.43 -7.52 7.42
N LYS A 35 8.44 -7.38 8.29
CA LYS A 35 8.94 -8.52 9.04
C LYS A 35 7.85 -9.08 9.95
N LEU A 36 7.12 -8.21 10.65
CA LEU A 36 6.05 -8.70 11.51
C LEU A 36 5.02 -9.49 10.71
N ILE A 37 4.67 -9.00 9.52
CA ILE A 37 3.70 -9.71 8.69
C ILE A 37 4.24 -11.09 8.30
N ALA A 38 5.50 -11.12 7.86
CA ALA A 38 6.09 -12.39 7.45
C ALA A 38 6.15 -13.37 8.60
N ASP A 39 6.55 -12.90 9.79
CA ASP A 39 6.78 -13.77 10.93
C ASP A 39 5.49 -14.29 11.53
N ASN A 40 4.35 -13.67 11.22
CA ASN A 40 3.09 -14.05 11.83
C ASN A 40 2.06 -14.63 10.86
N TYR A 41 2.20 -14.41 9.57
CA TYR A 41 1.18 -14.84 8.62
C TYR A 41 1.69 -15.72 7.49
N LEU A 42 3.00 -15.79 7.25
CA LEU A 42 3.52 -16.56 6.14
C LEU A 42 4.12 -17.87 6.65
N GLU A 43 4.01 -18.89 5.83
CA GLU A 43 4.77 -20.11 5.99
C GLU A 43 5.82 -20.19 4.88
N ASN A 44 6.73 -21.14 5.01
CA ASN A 44 7.74 -21.37 3.99
C ASN A 44 8.54 -20.10 3.71
N ALA A 45 8.74 -19.27 4.75
CA ALA A 45 9.17 -17.90 4.53
C ALA A 45 10.69 -17.78 4.60
N LYS A 46 11.22 -16.91 3.75
CA LYS A 46 12.62 -16.55 3.78
C LYS A 46 12.76 -15.05 3.53
N GLN A 47 13.78 -14.48 4.13
CA GLN A 47 14.12 -13.10 3.85
C GLN A 47 14.87 -13.05 2.53
N VAL A 48 14.40 -12.22 1.62
CA VAL A 48 14.97 -12.13 0.28
C VAL A 48 15.65 -10.81 0.01
N ASN A 49 15.46 -9.80 0.84
CA ASN A 49 16.20 -8.56 0.67
C ASN A 49 16.42 -7.89 2.02
N SER A 50 17.56 -7.24 2.15
CA SER A 50 17.81 -6.36 3.28
C SER A 50 18.60 -5.12 2.87
N VAL A 51 18.80 -4.87 1.58
CA VAL A 51 19.51 -3.67 1.14
C VAL A 51 18.81 -2.44 1.70
N ARG A 52 19.58 -1.50 2.23
CA ARG A 52 19.09 -0.27 2.83
C ARG A 52 18.14 -0.52 3.99
N GLY A 53 18.18 -1.73 4.57
CA GLY A 53 17.23 -2.10 5.61
C GLY A 53 15.81 -2.29 5.12
N MET A 54 15.58 -2.32 3.81
CA MET A 54 14.23 -2.41 3.27
C MET A 54 13.84 -3.89 3.16
N LEU A 55 13.51 -4.46 4.31
CA LEU A 55 13.33 -5.90 4.42
C LEU A 55 12.22 -6.39 3.50
N GLY A 56 12.48 -7.51 2.85
CA GLY A 56 11.48 -8.19 2.05
C GLY A 56 11.57 -9.69 2.28
N PHE A 57 10.43 -10.35 2.16
CA PHE A 57 10.25 -11.76 2.50
C PHE A 57 9.36 -12.42 1.46
N THR A 58 9.59 -13.71 1.24
CA THR A 58 8.74 -14.51 0.37
C THR A 58 8.39 -15.81 1.08
N GLY A 59 7.11 -16.17 1.04
CA GLY A 59 6.66 -17.43 1.58
C GLY A 59 5.32 -17.77 0.96
N THR A 60 4.42 -18.32 1.75
CA THR A 60 3.07 -18.64 1.32
C THR A 60 2.08 -18.17 2.37
N TYR A 61 0.89 -17.79 1.91
CA TYR A 61 -0.25 -17.57 2.79
C TYR A 61 -1.31 -18.59 2.39
N LYS A 62 -1.67 -19.46 3.33
CA LYS A 62 -2.57 -20.57 3.04
C LYS A 62 -2.15 -21.33 1.78
N GLY A 63 -0.85 -21.54 1.64
CA GLY A 63 -0.28 -22.32 0.58
C GLY A 63 0.02 -21.58 -0.70
N LYS A 64 -0.49 -20.36 -0.87
CA LYS A 64 -0.32 -19.61 -2.10
C LYS A 64 0.92 -18.72 -2.00
N PRO A 65 1.82 -18.71 -2.98
CA PRO A 65 3.01 -17.85 -2.90
C PRO A 65 2.64 -16.39 -2.66
N LEU A 66 3.35 -15.76 -1.73
CA LEU A 66 3.11 -14.37 -1.38
C LEU A 66 4.40 -13.78 -0.84
N SER A 67 4.73 -12.57 -1.28
CA SER A 67 5.85 -11.81 -0.74
C SER A 67 5.32 -10.62 0.03
N VAL A 68 6.15 -10.10 0.93
CA VAL A 68 5.85 -8.87 1.66
CA VAL A 68 5.85 -8.89 1.71
C VAL A 68 7.13 -8.08 1.81
N MET A 69 7.07 -6.78 1.54
CA MET A 69 8.28 -5.97 1.60
C MET A 69 7.93 -4.54 1.96
N GLY A 70 8.87 -3.88 2.64
CA GLY A 70 8.73 -2.47 2.88
C GLY A 70 8.90 -1.64 1.61
N HIS A 71 8.30 -0.45 1.60
CA HIS A 71 8.45 0.47 0.48
C HIS A 71 8.99 1.84 0.86
N GLY A 72 9.19 2.14 2.16
CA GLY A 72 9.64 3.46 2.57
C GLY A 72 8.53 4.47 2.47
N MET A 73 8.84 5.73 2.76
CA MET A 73 7.85 6.79 2.76
C MET A 73 7.98 7.66 1.53
N GLY A 74 6.86 7.83 0.82
CA GLY A 74 6.75 8.78 -0.25
C GLY A 74 6.75 8.14 -1.64
N ILE A 75 6.17 8.88 -2.57
CA ILE A 75 6.07 8.42 -3.96
C ILE A 75 7.41 8.04 -4.56
N PRO A 76 8.48 8.81 -4.41
CA PRO A 76 9.74 8.41 -5.06
C PRO A 76 10.27 7.07 -4.55
N SER A 77 10.09 6.80 -3.26
CA SER A 77 10.59 5.55 -2.69
C SER A 77 9.77 4.36 -3.18
N ILE A 78 8.44 4.42 -3.06
CA ILE A 78 7.64 3.29 -3.57
C ILE A 78 7.85 3.11 -5.07
N SER A 79 8.07 4.21 -5.80
CA SER A 79 8.23 4.07 -7.24
C SER A 79 9.46 3.22 -7.59
N ILE A 80 10.57 3.45 -6.90
CA ILE A 80 11.76 2.61 -7.11
C ILE A 80 11.43 1.15 -6.88
N TYR A 81 10.87 0.83 -5.71
CA TYR A 81 10.71 -0.57 -5.34
C TYR A 81 9.67 -1.25 -6.22
N ALA A 82 8.56 -0.56 -6.52
CA ALA A 82 7.50 -1.16 -7.33
C ALA A 82 7.92 -1.31 -8.78
N GLU A 83 8.57 -0.29 -9.35
CA GLU A 83 9.09 -0.44 -10.71
C GLU A 83 9.94 -1.69 -10.83
N GLU A 84 10.83 -1.90 -9.87
CA GLU A 84 11.69 -3.08 -9.90
C GLU A 84 10.89 -4.37 -9.76
N LEU A 85 9.94 -4.40 -8.84
CA LEU A 85 9.14 -5.61 -8.65
C LEU A 85 8.42 -6.02 -9.92
N TYR A 86 7.77 -5.06 -10.59
CA TYR A 86 7.06 -5.39 -11.82
C TYR A 86 8.03 -5.72 -12.96
N ASN A 87 9.11 -4.96 -13.08
CA ASN A 87 9.97 -5.09 -14.25
C ASN A 87 10.96 -6.24 -14.11
N VAL A 88 11.75 -6.24 -13.04
CA VAL A 88 12.80 -7.24 -12.87
C VAL A 88 12.24 -8.52 -12.28
N TYR A 89 11.38 -8.41 -11.29
CA TYR A 89 10.93 -9.58 -10.55
C TYR A 89 9.65 -10.18 -11.12
N LYS A 90 9.05 -9.55 -12.13
CA LYS A 90 7.90 -10.12 -12.86
C LYS A 90 6.66 -10.30 -11.99
N VAL A 91 6.54 -9.44 -10.98
CA VAL A 91 5.36 -9.44 -10.13
C VAL A 91 4.14 -9.03 -10.94
N LYS A 92 3.00 -9.62 -10.60
CA LYS A 92 1.74 -9.33 -11.28
C LYS A 92 0.80 -8.45 -10.48
N THR A 93 0.83 -8.52 -9.15
CA THR A 93 -0.14 -7.84 -8.30
C THR A 93 0.58 -7.33 -7.06
N ILE A 94 0.43 -6.03 -6.79
CA ILE A 94 0.91 -5.44 -5.54
C ILE A 94 -0.27 -4.81 -4.81
N ILE A 95 -0.45 -5.17 -3.55
CA ILE A 95 -1.38 -4.49 -2.67
C ILE A 95 -0.58 -3.72 -1.63
N ARG A 96 -0.74 -2.42 -1.63
CA ARG A 96 -0.18 -1.58 -0.60
C ARG A 96 -1.06 -1.68 0.64
N VAL A 97 -0.42 -1.91 1.78
CA VAL A 97 -1.10 -2.01 3.05
CA VAL A 97 -1.07 -2.06 3.08
C VAL A 97 -0.48 -0.98 3.97
N GLY A 98 -1.31 -0.15 4.58
CA GLY A 98 -0.71 0.92 5.32
C GLY A 98 -1.65 1.60 6.27
N THR A 99 -1.21 2.75 6.77
CA THR A 99 -1.98 3.61 7.63
C THR A 99 -2.22 4.93 6.91
N CYS A 100 -3.19 5.69 7.43
CA CYS A 100 -3.53 6.96 6.81
C CYS A 100 -4.14 7.88 7.84
N GLY A 101 -4.21 9.16 7.49
CA GLY A 101 -5.06 10.10 8.18
C GLY A 101 -6.37 10.25 7.42
N THR A 102 -7.32 10.94 8.03
CA THR A 102 -8.54 11.29 7.31
C THR A 102 -8.98 12.70 7.70
N VAL A 103 -9.65 13.37 6.77
CA VAL A 103 -10.37 14.61 7.03
C VAL A 103 -11.87 14.47 6.84
N ASP A 104 -12.34 13.34 6.36
CA ASP A 104 -13.75 13.23 6.00
C ASP A 104 -14.58 13.18 7.27
N PRO A 105 -15.69 13.93 7.36
CA PRO A 105 -16.43 14.02 8.62
C PRO A 105 -17.07 12.70 9.03
N ASN A 106 -17.24 11.76 8.10
CA ASN A 106 -17.88 10.49 8.40
C ASN A 106 -16.92 9.32 8.35
N VAL A 107 -15.63 9.58 8.34
CA VAL A 107 -14.61 8.54 8.49
C VAL A 107 -13.99 8.71 9.86
N HIS A 108 -13.69 7.59 10.52
CA HIS A 108 -13.29 7.58 11.90
C HIS A 108 -11.99 6.83 12.10
N VAL A 109 -11.27 7.19 13.14
CA VAL A 109 -10.08 6.45 13.52
C VAL A 109 -10.46 4.98 13.67
N ARG A 110 -9.58 4.10 13.20
CA ARG A 110 -9.69 2.64 13.17
C ARG A 110 -10.46 2.13 11.95
N ASP A 111 -11.08 3.01 11.16
CA ASP A 111 -11.76 2.55 9.96
C ASP A 111 -10.75 1.97 8.98
N VAL A 112 -11.23 1.03 8.17
CA VAL A 112 -10.45 0.42 7.11
C VAL A 112 -10.91 1.02 5.80
N CYS A 113 -9.97 1.56 5.03
CA CYS A 113 -10.28 2.25 3.78
C CYS A 113 -9.70 1.46 2.62
N ILE A 114 -10.54 1.15 1.64
CA ILE A 114 -10.13 0.49 0.41
C ILE A 114 -10.12 1.55 -0.67
N VAL A 115 -8.97 1.75 -1.30
CA VAL A 115 -8.71 2.88 -2.17
C VAL A 115 -9.11 2.55 -3.61
N THR A 116 -9.99 3.35 -4.19
CA THR A 116 -10.34 3.18 -5.60
C THR A 116 -9.43 3.98 -6.54
N ALA A 117 -8.93 5.13 -6.09
CA ALA A 117 -8.02 5.98 -6.84
C ALA A 117 -7.39 6.93 -5.84
N SER A 118 -6.28 7.56 -6.21
CA SER A 118 -5.57 8.43 -5.28
CA SER A 118 -5.56 8.44 -5.29
C SER A 118 -5.14 9.70 -6.00
N GLY A 119 -5.50 10.85 -5.43
CA GLY A 119 -5.01 12.13 -5.91
C GLY A 119 -3.59 12.36 -5.42
N THR A 120 -3.00 13.46 -5.86
CA THR A 120 -1.63 13.74 -5.43
C THR A 120 -1.27 15.18 -5.72
N ASP A 121 -0.27 15.67 -4.97
CA ASP A 121 0.42 16.91 -5.26
C ASP A 121 1.77 16.70 -5.94
N SER A 122 2.09 15.46 -6.29
CA SER A 122 3.28 15.13 -7.05
C SER A 122 3.10 15.42 -8.53
N ASN A 123 4.21 15.64 -9.23
CA ASN A 123 4.18 15.78 -10.69
C ASN A 123 4.38 14.49 -11.46
N VAL A 124 4.54 13.35 -10.78
CA VAL A 124 5.01 12.19 -11.52
C VAL A 124 4.02 11.70 -12.55
N ASN A 125 2.71 11.90 -12.33
CA ASN A 125 1.72 11.40 -13.27
C ASN A 125 1.47 12.38 -14.41
N ARG A 126 1.58 13.69 -14.14
CA ARG A 126 1.57 14.65 -15.24
C ARG A 126 2.70 14.33 -16.21
N MET A 127 3.86 13.94 -15.69
CA MET A 127 4.97 13.62 -16.56
CA MET A 127 5.00 13.60 -16.54
C MET A 127 4.71 12.43 -17.46
N ARG A 128 3.79 11.54 -17.06
CA ARG A 128 3.48 10.34 -17.83
C ARG A 128 2.42 10.58 -18.89
N LEU A 129 1.65 11.66 -18.79
CA LEU A 129 0.53 11.88 -19.70
C LEU A 129 0.52 13.29 -20.26
N LEU A 130 1.69 13.72 -20.76
CA LEU A 130 1.81 14.95 -21.55
C LEU A 130 1.34 16.17 -20.77
N GLY A 131 1.46 16.13 -19.46
CA GLY A 131 1.11 17.24 -18.59
C GLY A 131 -0.34 17.27 -18.16
N HIS A 132 -1.13 16.29 -18.56
CA HIS A 132 -2.56 16.26 -18.29
C HIS A 132 -2.85 15.54 -16.96
N ASP A 133 -4.13 15.35 -16.66
CA ASP A 133 -4.59 14.65 -15.47
C ASP A 133 -4.69 13.16 -15.77
N PHE A 134 -3.85 12.40 -15.09
CA PHE A 134 -3.79 10.95 -15.19
C PHE A 134 -4.23 10.41 -13.83
N PRO A 135 -5.43 9.83 -13.71
CA PRO A 135 -5.89 9.37 -12.40
C PRO A 135 -5.14 8.11 -12.01
N ALA A 136 -4.52 8.13 -10.83
CA ALA A 136 -3.89 6.96 -10.26
C ALA A 136 -5.03 6.07 -9.76
N THR A 137 -5.30 4.98 -10.47
CA THR A 137 -6.53 4.22 -10.30
C THR A 137 -6.19 2.79 -9.93
N ALA A 138 -6.81 2.28 -8.88
CA ALA A 138 -6.62 0.90 -8.50
C ALA A 138 -7.29 -0.02 -9.51
N ASN A 139 -6.74 -1.22 -9.65
CA ASN A 139 -7.34 -2.24 -10.49
C ASN A 139 -8.64 -2.74 -9.86
N PHE A 140 -9.66 -2.88 -10.68
CA PHE A 140 -10.98 -3.22 -10.15
C PHE A 140 -11.00 -4.60 -9.51
N GLU A 141 -10.34 -5.58 -10.11
CA GLU A 141 -10.29 -6.92 -9.51
C GLU A 141 -9.67 -6.87 -8.12
N VAL A 142 -8.62 -6.06 -7.95
CA VAL A 142 -8.00 -5.92 -6.63
C VAL A 142 -8.96 -5.25 -5.64
N VAL A 143 -9.58 -4.15 -6.05
CA VAL A 143 -10.54 -3.49 -5.18
C VAL A 143 -11.63 -4.47 -4.77
N SER A 144 -12.18 -5.19 -5.74
CA SER A 144 -13.27 -6.11 -5.47
C SER A 144 -12.82 -7.23 -4.54
N ALA A 145 -11.60 -7.74 -4.74
CA ALA A 145 -11.11 -8.81 -3.87
C ALA A 145 -11.03 -8.32 -2.43
N LEU A 146 -10.54 -7.09 -2.24
CA LEU A 146 -10.48 -6.52 -0.89
C LEU A 146 -11.86 -6.33 -0.31
N VAL A 147 -12.79 -5.78 -1.10
CA VAL A 147 -14.16 -5.56 -0.60
C VAL A 147 -14.80 -6.87 -0.20
N GLU A 148 -14.68 -7.89 -1.05
CA GLU A 148 -15.35 -9.16 -0.78
C GLU A 148 -14.72 -9.88 0.38
N SER A 149 -13.39 -9.78 0.52
CA SER A 149 -12.73 -10.39 1.66
CA SER A 149 -12.72 -10.38 1.66
C SER A 149 -13.18 -9.75 2.97
N ALA A 150 -13.28 -8.42 3.01
CA ALA A 150 -13.77 -7.75 4.21
C ALA A 150 -15.19 -8.17 4.54
N LYS A 151 -16.05 -8.29 3.52
CA LYS A 151 -17.41 -8.77 3.75
C LYS A 151 -17.42 -10.15 4.37
N ALA A 152 -16.60 -11.07 3.84
CA ALA A 152 -16.57 -12.43 4.38
C ALA A 152 -16.07 -12.45 5.82
N LEU A 153 -15.21 -11.50 6.18
CA LEU A 153 -14.70 -11.37 7.53
C LEU A 153 -15.58 -10.51 8.43
N ASN A 154 -16.68 -9.97 7.91
CA ASN A 154 -17.57 -9.11 8.69
C ASN A 154 -16.83 -7.88 9.23
N ILE A 155 -15.95 -7.30 8.42
CA ILE A 155 -15.23 -6.08 8.79
C ILE A 155 -15.75 -4.94 7.93
N PRO A 156 -16.37 -3.91 8.51
CA PRO A 156 -16.84 -2.77 7.71
C PRO A 156 -15.68 -2.05 7.04
N THR A 157 -15.95 -1.50 5.86
CA THR A 157 -14.93 -0.74 5.13
C THR A 157 -15.52 0.52 4.53
N GLN A 158 -14.66 1.53 4.40
CA GLN A 158 -14.90 2.72 3.61
C GLN A 158 -14.22 2.50 2.26
N VAL A 159 -14.90 2.82 1.17
CA VAL A 159 -14.37 2.57 -0.17
C VAL A 159 -14.40 3.91 -0.91
N GLY A 160 -13.23 4.36 -1.38
CA GLY A 160 -13.19 5.64 -2.06
C GLY A 160 -11.78 6.14 -2.26
N LYS A 161 -11.69 7.45 -2.46
CA LYS A 161 -10.45 8.08 -2.92
C LYS A 161 -9.48 8.33 -1.77
N ALA A 162 -8.21 8.12 -2.05
CA ALA A 162 -7.13 8.60 -1.20
C ALA A 162 -6.48 9.84 -1.81
N TYR A 163 -5.59 10.46 -1.04
CA TYR A 163 -4.76 11.55 -1.48
C TYR A 163 -3.35 11.26 -1.02
N SER A 164 -2.43 11.16 -1.96
CA SER A 164 -1.02 10.86 -1.71
C SER A 164 -0.23 12.15 -1.79
N THR A 165 0.24 12.65 -0.66
CA THR A 165 0.98 13.90 -0.61
C THR A 165 2.50 13.64 -0.49
N ASP A 166 3.25 14.55 -1.09
CA ASP A 166 4.69 14.62 -0.90
C ASP A 166 5.09 15.25 0.44
N ILE A 167 4.17 15.90 1.14
CA ILE A 167 4.48 16.72 2.31
C ILE A 167 3.65 16.24 3.49
N PHE A 168 4.26 15.42 4.34
CA PHE A 168 3.59 15.01 5.56
C PHE A 168 3.21 16.22 6.41
N TYR A 169 4.17 17.14 6.60
CA TYR A 169 3.98 18.30 7.47
C TYR A 169 3.38 19.46 6.67
N SER A 170 2.10 19.30 6.35
CA SER A 170 1.42 20.27 5.51
C SER A 170 1.32 21.62 6.19
N LYS A 171 1.53 22.67 5.40
CA LYS A 171 1.30 24.06 5.79
C LYS A 171 0.30 24.70 4.86
N GLU A 172 -0.50 23.89 4.16
CA GLU A 172 -1.27 24.33 3.00
C GLU A 172 -2.68 24.70 3.41
N GLN A 173 -2.95 26.00 3.46
CA GLN A 173 -4.28 26.48 3.81
C GLN A 173 -5.31 26.02 2.78
N GLY A 174 -6.44 25.54 3.27
CA GLY A 174 -7.54 25.15 2.42
C GLY A 174 -7.50 23.72 1.90
N LEU A 175 -6.37 23.01 2.07
CA LEU A 175 -6.28 21.66 1.55
C LEU A 175 -7.27 20.74 2.23
N ASN A 176 -7.31 20.74 3.56
CA ASN A 176 -8.18 19.83 4.28
C ASN A 176 -9.64 20.07 3.93
N GLU A 177 -10.02 21.33 3.76
CA GLU A 177 -11.39 21.67 3.42
C GLU A 177 -11.77 21.13 2.06
N ALA A 178 -10.87 21.24 1.08
CA ALA A 178 -11.16 20.72 -0.25
C ALA A 178 -11.22 19.19 -0.25
N LEU A 179 -10.29 18.55 0.46
CA LEU A 179 -10.30 17.11 0.53
C LEU A 179 -11.60 16.61 1.15
N ALA A 180 -12.07 17.27 2.21
CA ALA A 180 -13.30 16.86 2.85
C ALA A 180 -14.51 17.13 1.96
N GLN A 181 -14.52 18.26 1.25
CA GLN A 181 -15.66 18.62 0.42
C GLN A 181 -15.90 17.57 -0.65
N TYR A 182 -14.84 16.97 -1.17
CA TYR A 182 -14.94 15.99 -2.24
C TYR A 182 -14.81 14.57 -1.72
N HIS A 183 -14.83 14.39 -0.40
CA HIS A 183 -14.93 13.07 0.22
C HIS A 183 -13.74 12.17 -0.10
N PHE A 184 -12.54 12.76 -0.06
CA PHE A 184 -11.35 11.93 0.05
C PHE A 184 -11.32 11.32 1.43
N ILE A 185 -11.17 10.00 1.49
CA ILE A 185 -11.29 9.29 2.77
C ILE A 185 -9.96 9.02 3.45
N ALA A 186 -8.85 9.03 2.71
CA ALA A 186 -7.56 8.64 3.26
C ALA A 186 -6.48 9.60 2.77
N VAL A 187 -5.62 10.03 3.68
CA VAL A 187 -4.44 10.83 3.36
C VAL A 187 -3.22 9.98 3.65
N GLU A 188 -2.42 9.71 2.63
CA GLU A 188 -1.20 8.92 2.77
C GLU A 188 -0.17 9.53 1.82
N MET A 189 0.86 8.76 1.44
CA MET A 189 1.97 9.34 0.68
C MET A 189 2.46 8.48 -0.48
N GLU A 190 1.73 7.45 -0.91
CA GLU A 190 2.33 6.48 -1.81
C GLU A 190 1.45 5.96 -2.94
N SER A 191 0.14 5.73 -2.71
CA SER A 191 -0.67 5.00 -3.67
CA SER A 191 -0.63 4.97 -3.68
C SER A 191 -0.66 5.64 -5.05
N ALA A 192 -0.66 6.98 -5.10
CA ALA A 192 -0.71 7.66 -6.39
C ALA A 192 0.52 7.38 -7.24
N GLY A 193 1.64 6.99 -6.61
CA GLY A 193 2.80 6.59 -7.40
C GLY A 193 2.77 5.15 -7.85
N LEU A 194 2.08 4.28 -7.12
CA LEU A 194 2.06 2.86 -7.41
C LEU A 194 1.17 2.52 -8.59
N PHE A 195 -0.04 3.07 -8.62
CA PHE A 195 -1.01 2.60 -9.60
C PHE A 195 -0.56 2.86 -11.03
N PRO A 196 0.02 4.01 -11.39
CA PRO A 196 0.45 4.19 -12.78
C PRO A 196 1.59 3.30 -13.20
N ILE A 197 2.45 2.90 -12.26
CA ILE A 197 3.51 1.94 -12.58
C ILE A 197 2.90 0.58 -12.91
N ALA A 198 1.94 0.13 -12.11
CA ALA A 198 1.24 -1.09 -12.46
C ALA A 198 0.64 -1.01 -13.86
N ASP A 199 0.02 0.13 -14.19
CA ASP A 199 -0.54 0.31 -15.54
C ASP A 199 0.54 0.14 -16.61
N TYR A 200 1.69 0.79 -16.41
CA TYR A 200 2.76 0.74 -17.40
C TYR A 200 3.14 -0.69 -17.73
N TYR A 201 3.17 -1.55 -16.71
CA TYR A 201 3.56 -2.95 -16.87
C TYR A 201 2.40 -3.88 -17.19
N GLY A 202 1.20 -3.35 -17.43
CA GLY A 202 0.06 -4.22 -17.68
C GLY A 202 -0.28 -5.11 -16.52
N ALA A 203 -0.04 -4.62 -15.30
CA ALA A 203 -0.15 -5.38 -14.06
C ALA A 203 -1.20 -4.72 -13.17
N ARG A 204 -1.33 -5.22 -11.94
CA ARG A 204 -2.41 -4.85 -11.05
C ARG A 204 -1.88 -4.30 -9.75
N ALA A 205 -2.61 -3.35 -9.19
CA ALA A 205 -2.30 -2.79 -7.89
C ALA A 205 -3.56 -2.32 -7.20
N GLY A 206 -3.49 -2.29 -5.87
CA GLY A 206 -4.50 -1.66 -5.06
C GLY A 206 -3.90 -1.23 -3.74
N CYS A 207 -4.76 -0.68 -2.87
CA CYS A 207 -4.31 -0.20 -1.57
C CYS A 207 -5.43 -0.32 -0.57
N ILE A 208 -5.07 -0.74 0.64
CA ILE A 208 -5.96 -0.74 1.79
C ILE A 208 -5.20 -0.11 2.94
N CYS A 209 -5.86 0.75 3.72
CA CYS A 209 -5.23 1.49 4.81
CA CYS A 209 -5.20 1.41 4.84
C CYS A 209 -6.16 1.58 5.99
N THR A 210 -5.61 1.67 7.19
CA THR A 210 -6.38 1.93 8.39
CA THR A 210 -6.39 1.93 8.39
C THR A 210 -6.12 3.35 8.89
N VAL A 211 -7.18 4.00 9.36
CA VAL A 211 -7.09 5.39 9.80
C VAL A 211 -6.46 5.43 11.19
N SER A 212 -5.30 6.06 11.29
CA SER A 212 -4.62 6.26 12.57
C SER A 212 -5.01 7.55 13.25
N ASP A 213 -5.34 8.60 12.49
CA ASP A 213 -5.55 9.91 13.04
C ASP A 213 -6.62 10.61 12.23
N HIS A 214 -7.51 11.33 12.91
CA HIS A 214 -8.42 12.26 12.25
C HIS A 214 -7.79 13.64 12.29
N ILE A 215 -7.45 14.16 11.11
CA ILE A 215 -6.71 15.40 10.99
C ILE A 215 -7.53 16.59 11.47
N ILE A 216 -8.86 16.49 11.41
CA ILE A 216 -9.72 17.60 11.80
C ILE A 216 -10.09 17.55 13.27
N THR A 217 -10.58 16.40 13.73
CA THR A 217 -11.07 16.29 15.11
C THR A 217 -9.94 16.06 16.11
N HIS A 218 -8.77 15.65 15.63
CA HIS A 218 -7.59 15.34 16.43
C HIS A 218 -7.70 13.97 17.12
N GLU A 219 -8.75 13.20 16.87
CA GLU A 219 -8.82 11.85 17.40
C GLU A 219 -7.63 11.02 16.89
N SER A 220 -7.16 10.11 17.73
CA SER A 220 -5.96 9.34 17.41
C SER A 220 -6.08 7.97 18.02
N ALA A 221 -5.76 6.94 17.23
CA ALA A 221 -5.78 5.57 17.72
C ALA A 221 -4.60 5.33 18.66
N THR A 222 -4.86 4.64 19.76
CA THR A 222 -3.79 4.27 20.68
C THR A 222 -2.94 3.19 20.04
N PRO A 223 -1.77 2.88 20.62
CA PRO A 223 -0.96 1.80 20.03
C PRO A 223 -1.71 0.48 19.91
N GLU A 224 -2.49 0.12 20.93
CA GLU A 224 -3.24 -1.13 20.90
C GLU A 224 -4.33 -1.08 19.83
N GLU A 225 -5.00 0.06 19.69
CA GLU A 225 -6.01 0.20 18.65
C GLU A 225 -5.38 0.10 17.27
N ARG A 226 -4.19 0.67 17.09
CA ARG A 226 -3.52 0.56 15.81
C ARG A 226 -3.14 -0.88 15.51
N GLN A 227 -2.77 -1.64 16.54
CA GLN A 227 -2.43 -3.05 16.33
C GLN A 227 -3.66 -3.83 15.88
N THR A 228 -4.79 -3.62 16.56
CA THR A 228 -6.01 -4.32 16.20
C THR A 228 -6.45 -3.93 14.80
N SER A 229 -6.36 -2.64 14.46
CA SER A 229 -6.73 -2.17 13.13
C SER A 229 -5.86 -2.83 12.08
N PHE A 230 -4.56 -2.88 12.34
CA PHE A 230 -3.66 -3.49 11.37
CA PHE A 230 -3.64 -3.51 11.41
C PHE A 230 -3.97 -4.98 11.23
N GLN A 231 -4.30 -5.67 12.32
CA GLN A 231 -4.66 -7.08 12.22
C GLN A 231 -5.87 -7.28 11.33
N ASN A 232 -6.90 -6.47 11.51
CA ASN A 232 -8.08 -6.55 10.66
C ASN A 232 -7.70 -6.29 9.20
N MET A 233 -6.95 -5.22 8.96
CA MET A 233 -6.59 -4.85 7.60
CA MET A 233 -6.63 -4.87 7.59
C MET A 233 -5.74 -5.92 6.94
N ILE A 234 -4.75 -6.45 7.66
CA ILE A 234 -3.86 -7.42 7.04
C ILE A 234 -4.60 -8.70 6.71
N LYS A 235 -5.54 -9.10 7.57
CA LYS A 235 -6.33 -10.29 7.26
C LYS A 235 -7.15 -10.09 6.00
N ILE A 236 -7.74 -8.90 5.82
CA ILE A 236 -8.46 -8.60 4.58
C ILE A 236 -7.52 -8.72 3.39
N ALA A 237 -6.33 -8.10 3.48
CA ALA A 237 -5.40 -8.13 2.37
C ALA A 237 -4.95 -9.54 2.04
N LEU A 238 -4.61 -10.32 3.08
CA LEU A 238 -4.13 -11.69 2.88
C LEU A 238 -5.20 -12.53 2.21
N GLU A 239 -6.44 -12.46 2.71
CA GLU A 239 -7.52 -13.22 2.10
C GLU A 239 -7.75 -12.76 0.67
N ALA A 240 -7.61 -11.46 0.40
CA ALA A 240 -7.79 -10.97 -0.96
C ALA A 240 -6.77 -11.58 -1.92
N THR A 241 -5.53 -11.82 -1.46
CA THR A 241 -4.52 -12.37 -2.35
C THR A 241 -4.91 -13.75 -2.88
N LEU A 242 -5.74 -14.49 -2.13
CA LEU A 242 -6.18 -15.81 -2.58
C LEU A 242 -7.10 -15.72 -3.79
N LYS A 243 -7.68 -14.56 -4.04
CA LYS A 243 -8.57 -14.32 -5.17
C LYS A 243 -7.84 -13.70 -6.36
N LEU A 244 -6.53 -13.51 -6.27
CA LEU A 244 -5.77 -12.73 -7.25
C LEU A 244 -4.54 -13.46 -7.79
N9 NOS B . 0.50 8.14 6.79
C4 NOS B . 0.33 9.46 6.42
N3 NOS B . 0.90 10.14 5.41
C2 NOS B . 0.52 11.38 5.31
N1 NOS B . -0.36 11.97 6.15
C6 NOS B . -1.03 11.35 7.20
O6 NOS B . -1.83 11.96 7.89
C5 NOS B . -0.60 9.98 7.31
N7 NOS B . -0.98 9.04 8.21
C8 NOS B . -0.31 7.98 7.85
C5' NOS B . 3.77 8.86 7.34
O5' NOS B . 3.79 8.72 8.75
C4' NOS B . 3.61 7.53 6.65
O4' NOS B . 2.43 6.87 7.17
C1' NOS B . 1.36 7.06 6.28
C2' NOS B . 1.97 7.25 4.88
O2' NOS B . 1.79 6.07 4.13
C3' NOS B . 3.44 7.59 5.14
O3' NOS B . 4.28 6.62 4.53
CL CL C . 19.01 -11.00 2.61
CL CL D . -0.68 16.69 8.24
CL CL D . 0.01 16.25 9.32
CL CL E . 3.72 0.35 7.59
#